data_1MCT
#
_entry.id   1MCT
#
_cell.length_a   62.650
_cell.length_b   62.650
_cell.length_c   124.310
_cell.angle_alpha   90.00
_cell.angle_beta   90.00
_cell.angle_gamma   120.00
#
_symmetry.space_group_name_H-M   'P 32 2 1'
#
loop_
_entity.id
_entity.type
_entity.pdbx_description
1 polymer BETA-TRYPSIN
2 polymer 'TRYPSIN INHIBITOR A'
3 non-polymer 'CALCIUM ION'
4 water water
#
loop_
_entity_poly.entity_id
_entity_poly.type
_entity_poly.pdbx_seq_one_letter_code
_entity_poly.pdbx_strand_id
1 'polypeptide(L)'
;IVGGYTCAANSIPYQVSLNSGSHFCGGSLINSQWVVSAAHCYKSRIQVRLGEHNIDVLEGNEQFINAAKIITHPNFNGNT
LDNDIMLIKLSSPATLNSRVATVSLPRSCAAAGTECLISGWGNTKSSGSSYPSLLQCLKAPVLSNSSCKSSYPGQITGNM
ICVGFLQGGKDSCQGDSGGPVVCNGQLQGIVSWGYGCAQKNKPGVYTKVCNYVNWIQQTIAAN
;
A
2 'polypeptide(L)' RICPRIWMECTRDSDCMAKCICVAGHCG I
#
loop_
_chem_comp.id
_chem_comp.type
_chem_comp.name
_chem_comp.formula
CA non-polymer 'CALCIUM ION' 'Ca 2'
#
# COMPACT_ATOMS: atom_id res chain seq x y z
N ILE A 1 9.38 4.03 -0.13
CA ILE A 1 9.43 4.51 -1.55
C ILE A 1 10.91 4.80 -1.86
N VAL A 2 11.45 4.09 -2.85
CA VAL A 2 12.84 4.24 -3.29
C VAL A 2 12.76 5.17 -4.51
N GLY A 3 13.63 6.19 -4.54
CA GLY A 3 13.75 7.07 -5.70
C GLY A 3 12.63 8.07 -5.89
N GLY A 4 11.88 8.33 -4.81
CA GLY A 4 10.80 9.29 -4.87
C GLY A 4 11.23 10.64 -4.28
N TYR A 5 10.29 11.44 -3.84
CA TYR A 5 10.57 12.77 -3.30
C TYR A 5 9.67 12.95 -2.07
N THR A 6 10.01 13.84 -1.15
CA THR A 6 9.14 14.16 -0.02
C THR A 6 7.87 14.87 -0.52
N CYS A 7 6.72 14.28 -0.23
CA CYS A 7 5.44 14.86 -0.69
C CYS A 7 5.29 16.25 -0.06
N ALA A 8 4.63 17.12 -0.80
CA ALA A 8 4.37 18.45 -0.28
C ALA A 8 3.37 18.32 0.86
N ALA A 9 3.39 19.34 1.70
CA ALA A 9 2.33 19.47 2.68
C ALA A 9 1.09 19.81 1.82
N ASN A 10 0.03 19.29 2.41
CA ASN A 10 -1.33 19.31 1.91
C ASN A 10 -1.46 18.20 0.88
N SER A 11 -0.41 17.56 0.37
CA SER A 11 -0.65 16.49 -0.59
C SER A 11 -1.03 15.19 0.14
N ILE A 12 -1.61 14.32 -0.68
CA ILE A 12 -2.05 12.96 -0.30
C ILE A 12 -2.91 13.01 0.99
N PRO A 13 -4.03 13.78 1.02
CA PRO A 13 -4.93 13.87 2.18
C PRO A 13 -5.67 12.54 2.51
N TYR A 14 -5.69 11.60 1.56
CA TYR A 14 -6.31 10.28 1.70
C TYR A 14 -5.37 9.22 2.29
N GLN A 15 -4.08 9.51 2.41
CA GLN A 15 -3.12 8.56 2.97
C GLN A 15 -3.37 8.27 4.45
N VAL A 16 -3.34 7.01 4.88
CA VAL A 16 -3.33 6.75 6.31
C VAL A 16 -2.14 5.84 6.66
N SER A 17 -1.78 5.85 7.92
CA SER A 17 -0.77 4.97 8.48
C SER A 17 -1.50 3.97 9.36
N LEU A 18 -1.19 2.69 9.22
CA LEU A 18 -1.74 1.67 10.12
C LEU A 18 -0.65 1.41 11.15
N ASN A 19 -1.04 1.51 12.40
CA ASN A 19 -0.08 1.49 13.49
C ASN A 19 -0.47 0.44 14.51
N SER A 20 0.49 -0.40 14.87
CA SER A 20 0.24 -1.40 15.93
C SER A 20 1.45 -1.31 16.86
N GLY A 21 1.67 -0.13 17.44
CA GLY A 21 2.89 0.11 18.18
C GLY A 21 3.88 0.88 17.31
N SER A 22 3.96 0.56 16.03
CA SER A 22 4.79 1.28 15.07
C SER A 22 4.01 1.27 13.76
N HIS A 23 4.32 2.20 12.89
CA HIS A 23 3.78 2.19 11.53
C HIS A 23 4.19 0.86 10.88
N PHE A 24 3.30 0.14 10.22
CA PHE A 24 3.74 -1.09 9.55
C PHE A 24 3.18 -1.21 8.13
N CYS A 25 2.12 -0.46 7.81
CA CYS A 25 1.48 -0.48 6.49
C CYS A 25 0.76 0.84 6.30
N GLY A 26 0.47 1.18 5.06
CA GLY A 26 -0.36 2.33 4.73
C GLY A 26 -1.78 1.87 4.36
N GLY A 27 -2.57 2.82 3.92
CA GLY A 27 -3.94 2.56 3.49
C GLY A 27 -4.49 3.83 2.87
N SER A 28 -5.73 3.81 2.41
CA SER A 28 -6.37 4.95 1.73
C SER A 28 -7.77 5.16 2.30
N LEU A 29 -8.13 6.40 2.60
CA LEU A 29 -9.46 6.71 3.11
C LEU A 29 -10.40 6.81 1.91
N ILE A 30 -11.46 6.00 1.85
CA ILE A 30 -12.37 6.07 0.71
C ILE A 30 -13.73 6.68 1.06
N ASN A 31 -14.07 6.81 2.33
CA ASN A 31 -15.22 7.60 2.76
C ASN A 31 -14.96 7.92 4.21
N SER A 32 -15.79 8.65 4.97
CA SER A 32 -15.38 9.07 6.31
C SER A 32 -15.20 7.93 7.30
N GLN A 33 -15.72 6.73 7.02
CA GLN A 33 -15.62 5.62 7.95
C GLN A 33 -14.84 4.40 7.49
N TRP A 34 -14.39 4.35 6.25
CA TRP A 34 -13.75 3.14 5.74
C TRP A 34 -12.40 3.40 5.09
N VAL A 35 -11.50 2.50 5.36
CA VAL A 35 -10.14 2.54 4.84
C VAL A 35 -9.89 1.27 4.01
N VAL A 36 -9.20 1.37 2.89
CA VAL A 36 -8.85 0.16 2.15
C VAL A 36 -7.33 -0.03 2.31
N SER A 37 -6.86 -1.26 2.48
CA SER A 37 -5.44 -1.55 2.60
C SER A 37 -5.23 -2.96 2.02
N ALA A 38 -4.08 -3.57 2.27
CA ALA A 38 -3.71 -4.89 1.75
C ALA A 38 -4.12 -5.95 2.79
N ALA A 39 -4.63 -7.11 2.40
CA ALA A 39 -5.01 -8.14 3.37
C ALA A 39 -3.80 -8.71 4.08
N HIS A 40 -2.57 -8.69 3.52
CA HIS A 40 -1.46 -9.20 4.31
C HIS A 40 -1.08 -8.19 5.41
N CYS A 41 -1.68 -7.00 5.47
CA CYS A 41 -1.44 -6.08 6.59
C CYS A 41 -2.39 -6.37 7.77
N TYR A 42 -3.15 -7.47 7.72
CA TYR A 42 -4.11 -7.79 8.77
C TYR A 42 -3.43 -7.99 10.11
N LYS A 43 -3.94 -7.34 11.15
CA LYS A 43 -3.51 -7.57 12.54
C LYS A 43 -4.81 -7.49 13.32
N SER A 44 -4.92 -8.11 14.49
CA SER A 44 -6.17 -8.07 15.23
C SER A 44 -6.37 -6.74 15.91
N ARG A 45 -5.34 -5.92 16.10
CA ARG A 45 -5.50 -4.61 16.75
C ARG A 45 -4.77 -3.63 15.83
N ILE A 46 -5.48 -2.64 15.31
CA ILE A 46 -4.92 -1.63 14.43
C ILE A 46 -5.45 -0.23 14.82
N GLN A 47 -4.55 0.72 14.97
CA GLN A 47 -4.90 2.12 15.14
C GLN A 47 -4.64 2.80 13.78
N VAL A 48 -5.62 3.51 13.25
CA VAL A 48 -5.48 4.18 11.97
C VAL A 48 -5.10 5.64 12.25
N ARG A 49 -4.05 6.13 11.62
CA ARG A 49 -3.61 7.49 11.82
C ARG A 49 -3.78 8.26 10.53
N LEU A 50 -4.63 9.28 10.63
CA LEU A 50 -5.00 10.14 9.50
C LEU A 50 -4.41 11.55 9.64
N GLY A 51 -4.26 12.30 8.55
CA GLY A 51 -3.71 13.64 8.62
C GLY A 51 -2.24 13.70 9.03
N GLU A 52 -1.51 12.62 8.75
CA GLU A 52 -0.08 12.46 9.04
C GLU A 52 0.79 12.98 7.92
N HIS A 53 1.91 13.59 8.26
CA HIS A 53 2.87 13.96 7.22
C HIS A 53 4.21 13.49 7.77
N ASN A 54 4.55 14.01 8.93
CA ASN A 54 5.74 13.58 9.62
C ASN A 54 5.26 12.55 10.62
N ILE A 55 5.50 11.25 10.39
CA ILE A 55 5.00 10.24 11.34
C ILE A 55 5.69 10.24 12.69
N ASP A 56 6.81 10.95 12.86
CA ASP A 56 7.54 10.92 14.12
C ASP A 56 7.24 12.10 15.03
N VAL A 57 6.53 13.11 14.52
CA VAL A 57 6.28 14.35 15.26
C VAL A 57 4.77 14.58 15.29
N LEU A 58 4.17 14.94 16.42
CA LEU A 58 2.76 15.35 16.43
C LEU A 58 2.67 16.78 15.96
N GLU A 59 2.16 16.99 14.77
CA GLU A 59 2.06 18.27 14.10
C GLU A 59 0.75 18.98 14.42
N GLY A 60 -0.21 18.29 15.00
CA GLY A 60 -1.50 18.87 15.33
C GLY A 60 -2.58 18.72 14.28
N ASN A 61 -2.41 17.98 13.20
CA ASN A 61 -3.48 17.79 12.22
C ASN A 61 -3.97 16.32 12.30
N GLU A 62 -3.36 15.48 13.11
CA GLU A 62 -3.65 14.05 13.13
C GLU A 62 -4.96 13.70 13.79
N GLN A 63 -5.56 12.64 13.27
CA GLN A 63 -6.71 11.98 13.93
C GLN A 63 -6.27 10.54 14.12
N PHE A 64 -6.27 10.01 15.34
CA PHE A 64 -5.92 8.60 15.59
C PHE A 64 -7.23 7.89 15.92
N ILE A 65 -7.69 6.93 15.12
CA ILE A 65 -9.00 6.29 15.33
C ILE A 65 -8.74 4.79 15.26
N ASN A 66 -9.24 4.07 16.25
CA ASN A 66 -9.11 2.61 16.22
C ASN A 66 -10.03 1.94 15.19
N ALA A 67 -9.48 0.87 14.62
CA ALA A 67 -10.24 0.06 13.66
C ALA A 67 -11.30 -0.73 14.43
N ALA A 68 -12.56 -0.65 14.03
CA ALA A 68 -13.62 -1.45 14.64
C ALA A 68 -13.79 -2.73 13.82
N LYS A 69 -13.99 -2.66 12.52
CA LYS A 69 -14.14 -3.85 11.71
C LYS A 69 -12.90 -4.01 10.85
N ILE A 70 -12.45 -5.26 10.66
CA ILE A 70 -11.22 -5.52 9.88
C ILE A 70 -11.60 -6.74 9.05
N ILE A 71 -11.84 -6.49 7.77
CA ILE A 71 -12.36 -7.52 6.89
C ILE A 71 -11.44 -7.77 5.71
N THR A 72 -10.79 -8.92 5.70
CA THR A 72 -9.96 -9.35 4.56
C THR A 72 -10.83 -9.99 3.49
N HIS A 73 -10.39 -9.89 2.23
CA HIS A 73 -11.11 -10.49 1.13
C HIS A 73 -11.29 -11.98 1.40
N PRO A 74 -12.50 -12.55 1.20
CA PRO A 74 -12.76 -13.97 1.46
C PRO A 74 -11.80 -14.93 0.73
N ASN A 75 -11.28 -14.51 -0.43
CA ASN A 75 -10.37 -15.33 -1.22
C ASN A 75 -8.92 -14.96 -1.19
N PHE A 76 -8.53 -14.13 -0.22
CA PHE A 76 -7.13 -13.80 -0.05
C PHE A 76 -6.31 -15.08 0.14
N ASN A 77 -5.22 -15.18 -0.60
CA ASN A 77 -4.28 -16.30 -0.46
C ASN A 77 -2.96 -15.73 0.02
N GLY A 78 -2.58 -16.10 1.23
CA GLY A 78 -1.38 -15.63 1.88
C GLY A 78 -0.09 -16.08 1.21
N ASN A 79 -0.16 -17.17 0.46
CA ASN A 79 1.03 -17.71 -0.19
C ASN A 79 1.29 -16.98 -1.49
N THR A 80 0.21 -16.80 -2.25
CA THR A 80 0.39 -16.21 -3.56
C THR A 80 0.11 -14.70 -3.60
N LEU A 81 -0.48 -14.23 -2.54
CA LEU A 81 -0.94 -12.85 -2.38
C LEU A 81 -2.04 -12.46 -3.36
N ASP A 82 -2.75 -13.44 -3.94
CA ASP A 82 -3.90 -13.15 -4.80
C ASP A 82 -5.04 -12.62 -3.92
N ASN A 83 -5.81 -11.66 -4.46
CA ASN A 83 -6.91 -10.97 -3.75
C ASN A 83 -6.41 -10.28 -2.47
N ASP A 84 -5.30 -9.56 -2.60
CA ASP A 84 -4.68 -8.89 -1.45
C ASP A 84 -5.32 -7.51 -1.13
N ILE A 85 -6.51 -7.54 -0.50
CA ILE A 85 -7.27 -6.31 -0.21
C ILE A 85 -8.06 -6.56 1.06
N MET A 86 -8.12 -5.53 1.87
CA MET A 86 -8.76 -5.55 3.17
C MET A 86 -9.51 -4.24 3.34
N LEU A 87 -10.66 -4.28 4.01
CA LEU A 87 -11.42 -3.09 4.38
C LEU A 87 -11.39 -2.94 5.90
N ILE A 88 -11.23 -1.70 6.36
CA ILE A 88 -11.25 -1.39 7.79
C ILE A 88 -12.36 -0.38 8.02
N LYS A 89 -13.25 -0.62 8.98
CA LYS A 89 -14.28 0.36 9.35
C LYS A 89 -13.78 1.01 10.63
N LEU A 90 -13.66 2.32 10.62
CA LEU A 90 -13.21 3.10 11.77
C LEU A 90 -14.23 3.06 12.91
N SER A 91 -13.76 3.08 14.15
CA SER A 91 -14.69 3.04 15.29
C SER A 91 -15.49 4.34 15.33
N SER A 92 -14.98 5.47 14.83
CA SER A 92 -15.71 6.73 14.71
C SER A 92 -15.35 7.32 13.34
N PRO A 93 -16.22 8.09 12.68
CA PRO A 93 -15.94 8.71 11.39
C PRO A 93 -14.79 9.71 11.54
N ALA A 94 -13.97 9.78 10.50
CA ALA A 94 -12.93 10.80 10.42
C ALA A 94 -13.60 12.16 10.12
N THR A 95 -13.00 13.24 10.63
CA THR A 95 -13.41 14.60 10.27
C THR A 95 -12.70 14.93 8.96
N LEU A 96 -13.46 15.05 7.90
CA LEU A 96 -12.92 15.37 6.58
C LEU A 96 -12.74 16.87 6.63
N ASN A 97 -11.56 17.30 6.26
CA ASN A 97 -11.23 18.71 6.32
C ASN A 97 -10.21 18.99 5.21
N SER A 98 -9.35 19.98 5.42
CA SER A 98 -8.29 20.36 4.49
C SER A 98 -7.31 19.19 4.33
N ARG A 99 -6.70 18.88 5.47
CA ARG A 99 -5.73 17.81 5.58
C ARG A 99 -6.26 16.37 5.48
N VAL A 100 -7.54 16.08 5.64
CA VAL A 100 -8.00 14.70 5.55
C VAL A 100 -9.10 14.70 4.50
N ALA A 101 -8.98 13.89 3.45
CA ALA A 101 -9.98 13.86 2.38
C ALA A 101 -10.03 12.46 1.81
N THR A 102 -11.06 12.10 1.07
CA THR A 102 -11.18 10.75 0.54
C THR A 102 -10.70 10.69 -0.91
N VAL A 103 -10.38 9.48 -1.39
CA VAL A 103 -10.03 9.27 -2.80
C VAL A 103 -11.14 8.39 -3.42
N SER A 104 -11.46 8.61 -4.68
CA SER A 104 -12.47 7.84 -5.41
C SER A 104 -12.03 6.46 -5.80
N LEU A 105 -13.00 5.57 -5.77
CA LEU A 105 -12.82 4.23 -6.30
C LEU A 105 -12.88 4.38 -7.83
N PRO A 106 -12.18 3.49 -8.55
CA PRO A 106 -12.09 3.57 -10.02
C PRO A 106 -13.42 3.32 -10.74
N ARG A 107 -13.63 4.08 -11.80
CA ARG A 107 -14.80 3.93 -12.62
C ARG A 107 -14.47 2.97 -13.78
N SER A 108 -13.21 2.65 -14.00
CA SER A 108 -12.74 1.75 -15.05
C SER A 108 -11.33 1.33 -14.66
N CYS A 109 -10.80 0.24 -15.21
CA CYS A 109 -9.40 -0.11 -14.95
C CYS A 109 -8.48 0.85 -15.70
N ALA A 110 -7.29 1.11 -15.20
CA ALA A 110 -6.37 2.01 -15.87
C ALA A 110 -5.70 1.31 -17.04
N ALA A 111 -5.46 2.03 -18.12
CA ALA A 111 -4.73 1.50 -19.25
C ALA A 111 -3.22 1.62 -18.99
N ALA A 112 -2.46 0.72 -19.59
CA ALA A 112 -1.01 0.76 -19.57
C ALA A 112 -0.57 2.16 -19.99
N GLY A 113 0.45 2.71 -19.34
CA GLY A 113 0.96 4.01 -19.69
C GLY A 113 0.36 5.11 -18.85
N THR A 114 -0.76 4.90 -18.14
CA THR A 114 -1.35 5.93 -17.25
C THR A 114 -0.34 6.26 -16.15
N GLU A 115 -0.13 7.54 -15.89
CA GLU A 115 0.82 7.94 -14.87
C GLU A 115 0.06 7.96 -13.52
N CYS A 116 0.67 7.44 -12.47
CA CYS A 116 0.03 7.36 -11.18
C CYS A 116 0.94 7.95 -10.11
N LEU A 117 0.35 8.17 -8.92
CA LEU A 117 1.06 8.66 -7.75
C LEU A 117 0.99 7.60 -6.67
N ILE A 118 2.16 7.19 -6.20
CA ILE A 118 2.30 6.16 -5.17
C ILE A 118 2.91 6.87 -3.97
N SER A 119 2.50 6.53 -2.74
CA SER A 119 3.05 7.21 -1.57
C SER A 119 3.18 6.27 -0.36
N GLY A 120 4.08 6.59 0.54
CA GLY A 120 4.23 5.80 1.74
C GLY A 120 5.45 6.19 2.56
N TRP A 121 5.51 5.61 3.74
CA TRP A 121 6.60 5.84 4.68
C TRP A 121 7.55 4.66 4.72
N GLY A 122 7.59 3.87 3.67
CA GLY A 122 8.47 2.71 3.64
C GLY A 122 9.92 3.03 3.36
N ASN A 123 10.71 1.98 3.25
CA ASN A 123 12.15 2.06 3.05
C ASN A 123 12.48 2.86 1.79
N THR A 124 13.46 3.75 1.91
CA THR A 124 13.86 4.53 0.75
C THR A 124 15.12 4.01 0.06
N LYS A 125 15.72 2.93 0.59
CA LYS A 125 16.93 2.32 0.01
C LYS A 125 16.67 0.94 -0.58
N SER A 126 17.27 0.67 -1.73
CA SER A 126 17.15 -0.66 -2.35
C SER A 126 18.14 -1.57 -1.62
N SER A 127 19.29 -1.03 -1.26
CA SER A 127 20.26 -1.77 -0.47
C SER A 127 20.42 -0.92 0.79
N GLY A 128 20.17 -1.62 1.88
CA GLY A 128 20.22 -1.00 3.18
C GLY A 128 18.81 -0.63 3.59
N SER A 129 18.73 0.16 4.65
CA SER A 129 17.45 0.58 5.17
C SER A 129 17.51 2.05 5.57
N SER A 130 16.56 2.87 5.18
CA SER A 130 16.42 4.22 5.70
C SER A 130 14.89 4.43 5.70
N TYR A 131 14.35 4.69 6.88
CA TYR A 131 12.92 4.88 7.03
C TYR A 131 12.65 6.33 7.34
N PRO A 132 11.96 7.02 6.43
CA PRO A 132 11.81 8.46 6.51
C PRO A 132 10.76 8.91 7.54
N SER A 133 10.95 10.08 8.15
CA SER A 133 9.88 10.70 8.92
C SER A 133 8.77 11.21 7.98
N LEU A 134 9.11 11.80 6.84
CA LEU A 134 8.11 12.43 5.98
C LEU A 134 7.62 11.51 4.89
N LEU A 135 6.33 11.62 4.61
CA LEU A 135 5.68 10.85 3.57
C LEU A 135 6.41 11.05 2.22
N GLN A 136 6.70 9.96 1.51
CA GLN A 136 7.39 10.01 0.24
C GLN A 136 6.39 9.73 -0.88
N CYS A 137 6.66 10.35 -2.02
CA CYS A 137 5.82 10.27 -3.21
C CYS A 137 6.61 9.80 -4.40
N LEU A 138 5.92 9.16 -5.35
CA LEU A 138 6.55 8.67 -6.57
C LEU A 138 5.53 8.68 -7.70
N LYS A 139 5.92 9.24 -8.84
CA LYS A 139 5.09 9.19 -10.05
C LYS A 139 5.62 8.04 -10.91
N ALA A 140 4.76 7.11 -11.33
CA ALA A 140 5.16 5.92 -12.08
C ALA A 140 3.97 5.48 -12.93
N PRO A 141 4.23 4.89 -14.10
CA PRO A 141 3.17 4.43 -14.99
C PRO A 141 2.77 2.98 -14.75
N VAL A 142 1.51 2.74 -15.10
CA VAL A 142 0.94 1.38 -15.15
C VAL A 142 1.66 0.67 -16.30
N LEU A 143 2.22 -0.50 -16.08
CA LEU A 143 2.88 -1.27 -17.11
C LEU A 143 1.86 -2.17 -17.82
N SER A 144 2.17 -2.60 -19.04
CA SER A 144 1.25 -3.50 -19.75
C SER A 144 1.20 -4.82 -18.98
N ASN A 145 0.06 -5.47 -19.13
CA ASN A 145 -0.15 -6.79 -18.55
C ASN A 145 0.94 -7.75 -19.05
N SER A 146 1.33 -7.68 -20.33
CA SER A 146 2.37 -8.56 -20.86
C SER A 146 3.74 -8.31 -20.23
N SER A 147 4.20 -7.05 -20.07
CA SER A 147 5.47 -6.74 -19.39
C SER A 147 5.47 -7.21 -17.93
N CYS A 148 4.32 -7.08 -17.27
CA CYS A 148 4.20 -7.50 -15.88
C CYS A 148 4.36 -9.03 -15.77
N LYS A 149 3.66 -9.78 -16.63
CA LYS A 149 3.69 -11.24 -16.59
C LYS A 149 5.05 -11.75 -17.02
N SER A 150 5.73 -11.09 -17.96
CA SER A 150 7.07 -11.54 -18.32
C SER A 150 8.09 -11.19 -17.24
N SER A 151 7.84 -10.15 -16.42
CA SER A 151 8.77 -9.84 -15.33
C SER A 151 8.64 -10.87 -14.21
N TYR A 152 7.46 -11.45 -14.03
CA TYR A 152 7.24 -12.40 -12.95
C TYR A 152 6.47 -13.61 -13.47
N PRO A 153 7.16 -14.46 -14.27
CA PRO A 153 6.55 -15.66 -14.89
C PRO A 153 5.77 -16.53 -13.91
N GLY A 154 4.50 -16.77 -14.26
CA GLY A 154 3.61 -17.64 -13.50
C GLY A 154 3.16 -17.13 -12.14
N GLN A 155 3.39 -15.87 -11.81
CA GLN A 155 3.00 -15.30 -10.52
C GLN A 155 1.97 -14.17 -10.56
N ILE A 156 1.68 -13.60 -11.73
CA ILE A 156 0.75 -12.48 -11.81
C ILE A 156 -0.65 -13.00 -12.15
N THR A 157 -1.62 -12.81 -11.27
CA THR A 157 -3.00 -13.21 -11.55
C THR A 157 -3.71 -12.04 -12.24
N GLY A 158 -4.99 -12.27 -12.51
CA GLY A 158 -5.80 -11.20 -13.11
C GLY A 158 -6.14 -10.10 -12.11
N ASN A 159 -5.79 -10.29 -10.84
CA ASN A 159 -6.05 -9.31 -9.78
C ASN A 159 -4.82 -8.48 -9.41
N MET A 160 -3.84 -8.45 -10.29
CA MET A 160 -2.59 -7.75 -10.00
C MET A 160 -2.15 -6.91 -11.19
N ILE A 161 -1.59 -5.74 -10.90
CA ILE A 161 -0.97 -4.89 -11.94
C ILE A 161 0.46 -4.52 -11.51
N CYS A 162 1.33 -4.30 -12.49
CA CYS A 162 2.68 -3.83 -12.23
C CYS A 162 2.68 -2.34 -12.51
N VAL A 163 3.28 -1.57 -11.62
CA VAL A 163 3.40 -0.12 -11.81
C VAL A 163 4.88 0.15 -11.48
N GLY A 164 5.55 0.88 -12.36
CA GLY A 164 6.92 1.22 -12.10
C GLY A 164 7.73 1.34 -13.38
N PHE A 165 8.98 0.92 -13.23
CA PHE A 165 9.98 1.11 -14.25
C PHE A 165 10.74 -0.18 -14.41
N LEU A 166 10.83 -0.70 -15.63
CA LEU A 166 11.60 -1.95 -15.83
C LEU A 166 13.09 -1.79 -15.57
N GLN A 167 13.55 -0.55 -15.67
CA GLN A 167 14.94 -0.14 -15.46
C GLN A 167 15.26 -0.16 -13.97
N GLY A 168 14.24 -0.18 -13.12
CA GLY A 168 14.47 -0.10 -11.70
C GLY A 168 14.79 1.33 -11.25
N GLY A 169 15.26 1.37 -10.01
CA GLY A 169 15.70 2.60 -9.36
C GLY A 169 14.60 3.35 -8.65
N LYS A 170 13.34 3.15 -9.02
CA LYS A 170 12.22 3.85 -8.40
C LYS A 170 11.13 2.80 -8.15
N ASP A 171 10.65 2.66 -6.93
CA ASP A 171 9.69 1.61 -6.63
C ASP A 171 9.15 1.81 -5.22
N SER A 172 8.09 1.12 -4.84
CA SER A 172 7.68 1.09 -3.44
C SER A 172 8.56 0.03 -2.73
N CYS A 173 8.53 -0.07 -1.41
CA CYS A 173 9.38 -0.99 -0.70
C CYS A 173 8.75 -1.34 0.65
N GLN A 174 9.43 -2.12 1.50
CA GLN A 174 8.89 -2.54 2.79
C GLN A 174 8.47 -1.32 3.61
N GLY A 175 7.24 -1.42 4.13
CA GLY A 175 6.62 -0.36 4.88
C GLY A 175 5.60 0.43 4.07
N ASP A 176 5.61 0.25 2.75
CA ASP A 176 4.67 0.89 1.85
C ASP A 176 3.40 0.05 1.62
N SER A 177 3.40 -1.25 1.95
CA SER A 177 2.24 -2.13 1.77
C SER A 177 0.91 -1.52 2.20
N GLY A 178 -0.10 -1.74 1.39
CA GLY A 178 -1.43 -1.27 1.73
C GLY A 178 -1.72 0.13 1.26
N GLY A 179 -0.66 0.85 0.89
CA GLY A 179 -0.80 2.22 0.44
C GLY A 179 -1.36 2.39 -0.96
N PRO A 180 -1.67 3.66 -1.28
CA PRO A 180 -2.36 4.03 -2.52
C PRO A 180 -1.54 4.12 -3.81
N VAL A 181 -2.15 3.74 -4.92
CA VAL A 181 -1.64 4.04 -6.24
C VAL A 181 -2.85 4.77 -6.85
N VAL A 182 -2.72 6.08 -7.09
CA VAL A 182 -3.85 6.88 -7.59
C VAL A 182 -3.53 7.39 -8.98
N CYS A 183 -4.41 7.09 -9.91
CA CYS A 183 -4.14 7.40 -11.32
C CYS A 183 -5.36 8.16 -11.77
N ASN A 184 -5.12 9.36 -12.27
CA ASN A 184 -6.20 10.22 -12.72
C ASN A 184 -7.25 10.47 -11.63
N GLY A 185 -6.73 10.59 -10.41
CA GLY A 185 -7.57 10.84 -9.26
C GLY A 185 -8.38 9.65 -8.82
N GLN A 186 -8.14 8.42 -9.29
CA GLN A 186 -8.90 7.27 -8.81
C GLN A 186 -7.93 6.25 -8.24
N LEU A 187 -8.35 5.53 -7.20
CA LEU A 187 -7.50 4.53 -6.57
C LEU A 187 -7.44 3.27 -7.45
N GLN A 188 -6.33 3.06 -8.14
CA GLN A 188 -6.21 1.90 -9.03
C GLN A 188 -5.40 0.75 -8.43
N GLY A 189 -4.57 0.99 -7.43
CA GLY A 189 -3.73 -0.09 -6.94
C GLY A 189 -3.47 0.07 -5.46
N ILE A 190 -3.09 -1.06 -4.84
CA ILE A 190 -2.75 -1.12 -3.42
C ILE A 190 -1.33 -1.72 -3.40
N VAL A 191 -0.36 -1.13 -2.70
CA VAL A 191 0.99 -1.68 -2.63
C VAL A 191 0.92 -3.10 -2.07
N SER A 192 1.44 -4.09 -2.77
CA SER A 192 1.36 -5.46 -2.29
C SER A 192 2.74 -6.14 -2.20
N TRP A 193 3.47 -6.40 -3.30
CA TRP A 193 4.72 -7.15 -3.20
C TRP A 193 5.64 -6.92 -4.38
N GLY A 194 6.79 -7.58 -4.34
CA GLY A 194 7.75 -7.53 -5.43
C GLY A 194 8.93 -8.38 -5.01
N TYR A 195 9.96 -8.46 -5.85
CA TYR A 195 11.21 -9.13 -5.49
C TYR A 195 12.16 -7.99 -5.14
N GLY A 196 12.59 -7.88 -3.91
CA GLY A 196 13.45 -6.76 -3.52
C GLY A 196 12.71 -5.43 -3.73
N CYS A 197 13.43 -4.36 -3.96
CA CYS A 197 12.79 -3.07 -4.22
C CYS A 197 13.64 -2.39 -5.26
N ALA A 198 13.02 -1.76 -6.24
CA ALA A 198 13.67 -1.00 -7.29
C ALA A 198 14.69 -1.79 -8.10
N GLN A 199 14.56 -3.10 -8.17
CA GLN A 199 15.48 -3.91 -9.00
C GLN A 199 15.08 -3.86 -10.49
N LYS A 200 16.08 -3.98 -11.36
CA LYS A 200 15.87 -4.07 -12.80
C LYS A 200 14.98 -5.28 -13.09
N ASN A 201 13.97 -5.05 -13.93
CA ASN A 201 12.98 -6.03 -14.39
C ASN A 201 12.12 -6.65 -13.30
N LYS A 202 12.07 -6.03 -12.12
CA LYS A 202 11.22 -6.51 -11.03
C LYS A 202 10.44 -5.29 -10.51
N PRO A 203 9.45 -4.80 -11.28
CA PRO A 203 8.61 -3.65 -10.84
C PRO A 203 7.69 -4.06 -9.67
N GLY A 204 7.17 -3.10 -8.92
CA GLY A 204 6.23 -3.44 -7.88
C GLY A 204 4.95 -4.01 -8.49
N VAL A 205 4.35 -4.90 -7.71
CA VAL A 205 3.09 -5.55 -8.05
C VAL A 205 2.07 -5.03 -7.02
N TYR A 206 0.92 -4.68 -7.54
CA TYR A 206 -0.12 -3.99 -6.78
C TYR A 206 -1.46 -4.68 -6.99
N THR A 207 -2.33 -4.69 -5.99
CA THR A 207 -3.68 -5.26 -6.13
C THR A 207 -4.47 -4.38 -7.11
N LYS A 208 -5.14 -5.00 -8.08
CA LYS A 208 -5.88 -4.28 -9.12
C LYS A 208 -7.26 -3.94 -8.55
N VAL A 209 -7.35 -2.72 -8.01
CA VAL A 209 -8.54 -2.27 -7.30
C VAL A 209 -9.78 -2.25 -8.20
N CYS A 210 -9.68 -2.01 -9.52
CA CYS A 210 -10.91 -1.96 -10.33
C CYS A 210 -11.64 -3.32 -10.43
N ASN A 211 -11.04 -4.43 -9.98
CA ASN A 211 -11.70 -5.72 -9.91
C ASN A 211 -12.58 -5.86 -8.69
N TYR A 212 -12.45 -4.98 -7.69
CA TYR A 212 -13.11 -5.17 -6.40
C TYR A 212 -14.11 -4.11 -6.03
N VAL A 213 -14.46 -3.20 -6.95
CA VAL A 213 -15.38 -2.10 -6.63
C VAL A 213 -16.74 -2.61 -6.14
N ASN A 214 -17.30 -3.63 -6.77
CA ASN A 214 -18.57 -4.16 -6.28
C ASN A 214 -18.40 -4.84 -4.93
N TRP A 215 -17.32 -5.58 -4.65
CA TRP A 215 -17.13 -6.22 -3.35
C TRP A 215 -16.99 -5.12 -2.30
N ILE A 216 -16.28 -4.03 -2.58
CA ILE A 216 -16.10 -2.96 -1.60
C ILE A 216 -17.48 -2.34 -1.32
N GLN A 217 -18.25 -2.01 -2.36
CA GLN A 217 -19.53 -1.35 -2.16
C GLN A 217 -20.49 -2.23 -1.37
N GLN A 218 -20.61 -3.51 -1.75
CA GLN A 218 -21.45 -4.46 -1.03
C GLN A 218 -20.99 -4.58 0.43
N THR A 219 -19.68 -4.65 0.72
CA THR A 219 -19.21 -4.84 2.08
C THR A 219 -19.53 -3.61 2.90
N ILE A 220 -19.34 -2.42 2.33
CA ILE A 220 -19.67 -1.20 3.07
C ILE A 220 -21.19 -1.16 3.31
N ALA A 221 -21.97 -1.56 2.30
CA ALA A 221 -23.43 -1.53 2.41
C ALA A 221 -23.93 -2.52 3.45
N ALA A 222 -23.19 -3.59 3.71
CA ALA A 222 -23.63 -4.60 4.65
C ALA A 222 -23.10 -4.41 6.08
N ASN A 223 -22.26 -3.40 6.35
CA ASN A 223 -21.60 -3.27 7.64
C ASN A 223 -21.53 -1.87 8.26
N ARG B 1 12.63 -12.69 -4.41
CA ARG B 1 11.77 -13.84 -3.94
C ARG B 1 10.41 -13.14 -3.63
N ILE B 2 9.16 -13.68 -3.76
CA ILE B 2 7.91 -12.90 -3.48
C ILE B 2 8.01 -12.45 -2.03
N CYS B 3 8.04 -11.14 -1.86
CA CYS B 3 8.16 -10.66 -0.50
C CYS B 3 7.19 -9.49 -0.37
N PRO B 4 6.13 -9.63 0.44
CA PRO B 4 5.17 -8.56 0.73
C PRO B 4 5.89 -7.30 1.25
N ARG B 5 5.37 -6.09 0.95
CA ARG B 5 6.04 -4.87 1.36
C ARG B 5 5.61 -4.30 2.72
N ILE B 6 5.31 -5.21 3.65
CA ILE B 6 4.97 -4.85 5.03
C ILE B 6 6.28 -4.67 5.80
N TRP B 7 6.26 -3.73 6.77
CA TRP B 7 7.39 -3.55 7.66
C TRP B 7 7.24 -4.56 8.81
N MET B 8 8.30 -5.35 9.02
CA MET B 8 8.27 -6.38 10.03
C MET B 8 9.70 -6.62 10.51
N GLU B 9 9.87 -6.56 11.82
CA GLU B 9 11.13 -6.95 12.44
C GLU B 9 11.21 -8.48 12.52
N CYS B 10 12.41 -9.02 12.62
CA CYS B 10 12.58 -10.47 12.67
C CYS B 10 13.93 -10.71 13.32
N THR B 11 14.10 -11.93 13.79
CA THR B 11 15.39 -12.40 14.24
C THR B 11 15.70 -13.60 13.37
N ARG B 12 14.74 -14.41 12.92
CA ARG B 12 15.04 -15.49 12.01
C ARG B 12 14.22 -15.36 10.75
N ASP B 13 14.66 -16.02 9.70
CA ASP B 13 13.98 -16.01 8.40
C ASP B 13 12.54 -16.43 8.52
N SER B 14 12.31 -17.38 9.43
CA SER B 14 10.99 -17.96 9.67
C SER B 14 9.98 -16.93 10.18
N ASP B 15 10.47 -15.82 10.75
CA ASP B 15 9.59 -14.76 11.22
C ASP B 15 8.87 -14.02 10.10
N CYS B 16 9.46 -14.03 8.91
CA CYS B 16 8.95 -13.28 7.77
C CYS B 16 7.89 -13.99 6.95
N MET B 17 7.19 -13.19 6.13
CA MET B 17 6.15 -13.72 5.27
C MET B 17 6.71 -14.18 3.92
N ALA B 18 5.97 -15.12 3.37
CA ALA B 18 6.21 -15.69 2.05
C ALA B 18 7.70 -15.95 1.85
N LYS B 19 8.30 -15.48 0.77
CA LYS B 19 9.69 -15.73 0.54
C LYS B 19 10.54 -14.57 1.05
N CYS B 20 10.07 -13.70 1.93
CA CYS B 20 10.93 -12.68 2.54
C CYS B 20 11.99 -13.38 3.42
N ILE B 21 13.17 -12.83 3.58
CA ILE B 21 14.15 -13.35 4.53
C ILE B 21 14.44 -12.22 5.51
N CYS B 22 15.06 -12.56 6.63
CA CYS B 22 15.33 -11.60 7.67
C CYS B 22 16.67 -10.98 7.33
N VAL B 23 16.68 -9.78 6.84
CA VAL B 23 17.92 -9.09 6.48
C VAL B 23 18.12 -8.03 7.55
N ALA B 24 19.07 -8.31 8.43
CA ALA B 24 19.45 -7.42 9.52
C ALA B 24 18.27 -6.91 10.37
N GLY B 25 17.54 -7.86 10.92
CA GLY B 25 16.46 -7.52 11.82
C GLY B 25 15.19 -7.08 11.16
N HIS B 26 15.11 -7.00 9.83
CA HIS B 26 13.83 -6.74 9.18
C HIS B 26 13.64 -7.68 8.01
N CYS B 27 12.38 -7.97 7.73
CA CYS B 27 12.04 -8.81 6.58
C CYS B 27 12.20 -8.04 5.28
N GLY B 28 12.70 -8.69 4.24
CA GLY B 28 12.85 -8.02 2.94
C GLY B 28 13.17 -9.05 1.89
CA CA C . 2.64 13.58 12.71
#